data_3PG6
#
_entry.id   3PG6
#
_cell.length_a   75.323
_cell.length_b   76.146
_cell.length_c   138.753
_cell.angle_alpha   90.00
_cell.angle_beta   90.00
_cell.angle_gamma   90.00
#
_symmetry.space_group_name_H-M   'P 21 21 21'
#
loop_
_entity.id
_entity.type
_entity.pdbx_description
1 polymer 'E3 ubiquitin-protein ligase DTX3L'
2 non-polymer 'CITRIC ACID'
3 non-polymer DI(HYDROXYETHYL)ETHER
4 non-polymer GLYCEROL
5 water water
#
_entity_poly.entity_id   1
_entity_poly.type   'polypeptide(L)'
_entity_poly.pdbx_seq_one_letter_code
;MGSSHHHHHHSSGLVPRGSTSYGIQKGNQPEGSMVFTVSRDSLPGYESFGTIVITYSMKAGIQTEEHPNPGKRYPGIQRT
AYLPDNKEGRKVLKLLYRAFDQKLIFTVGYSRVLGVSDVITWNDIHHKTSRFGGPEMYGYPDPSYLKRVKEELKAKGIE
;
_entity_poly.pdbx_strand_id   A,B,C,D
#
loop_
_chem_comp.id
_chem_comp.type
_chem_comp.name
_chem_comp.formula
CIT non-polymer 'CITRIC ACID' 'C6 H8 O7'
GOL non-polymer GLYCEROL 'C3 H8 O3'
PEG non-polymer DI(HYDROXYETHYL)ETHER 'C4 H10 O3'
#
# COMPACT_ATOMS: atom_id res chain seq x y z
N GLN A 25 -24.69 -15.86 -2.95
CA GLN A 25 -26.10 -15.54 -2.55
C GLN A 25 -26.23 -14.96 -1.14
N LYS A 26 -25.99 -15.77 -0.08
CA LYS A 26 -26.18 -15.30 1.32
C LYS A 26 -25.03 -15.65 2.26
N GLY A 27 -24.54 -14.67 3.01
CA GLY A 27 -23.35 -14.89 3.80
C GLY A 27 -23.62 -15.10 5.28
N ASN A 28 -22.59 -14.93 6.09
CA ASN A 28 -22.68 -15.16 7.53
C ASN A 28 -22.26 -13.91 8.32
N GLN A 29 -22.54 -12.75 7.75
CA GLN A 29 -22.30 -11.48 8.44
C GLN A 29 -22.91 -11.44 9.85
N PRO A 30 -22.19 -10.84 10.82
CA PRO A 30 -22.73 -10.64 12.15
C PRO A 30 -23.94 -9.71 12.13
N GLU A 31 -24.64 -9.67 13.25
CA GLU A 31 -25.71 -8.69 13.41
C GLU A 31 -25.13 -7.28 13.43
N GLY A 32 -25.92 -6.32 12.95
CA GLY A 32 -25.46 -4.96 13.01
C GLY A 32 -26.22 -4.07 12.08
N SER A 33 -25.79 -2.84 11.95
CA SER A 33 -26.54 -1.84 11.15
C SER A 33 -25.66 -1.19 10.11
N MET A 34 -26.31 -0.70 9.06
CA MET A 34 -25.67 0.11 8.00
C MET A 34 -26.52 1.36 7.83
N VAL A 35 -25.88 2.53 7.96
CA VAL A 35 -26.55 3.82 7.81
C VAL A 35 -25.66 4.66 6.93
N PHE A 36 -26.21 5.75 6.39
CA PHE A 36 -25.35 6.68 5.65
C PHE A 36 -25.78 8.11 5.89
N THR A 37 -24.86 9.01 5.59
CA THR A 37 -25.19 10.42 5.51
C THR A 37 -24.31 11.06 4.43
N VAL A 38 -24.51 12.34 4.17
CA VAL A 38 -23.73 12.99 3.11
C VAL A 38 -23.10 14.27 3.62
N SER A 39 -21.96 14.62 3.05
CA SER A 39 -21.30 15.91 3.29
C SER A 39 -21.25 16.64 1.95
N ARG A 40 -21.25 17.98 1.96
CA ARG A 40 -21.10 18.76 0.74
C ARG A 40 -19.65 18.79 0.25
N ASP A 41 -18.68 18.39 1.10
CA ASP A 41 -17.28 18.40 0.67
C ASP A 41 -17.01 17.29 -0.32
N SER A 42 -15.99 17.46 -1.17
CA SER A 42 -15.73 16.50 -2.26
CA SER A 42 -15.71 16.51 -2.26
C SER A 42 -14.58 15.55 -1.97
N LEU A 43 -14.57 14.44 -2.70
CA LEU A 43 -13.44 13.51 -2.71
C LEU A 43 -12.60 13.86 -3.92
N PRO A 44 -11.26 13.71 -3.80
CA PRO A 44 -10.37 13.87 -4.97
C PRO A 44 -10.82 13.02 -6.17
N GLY A 45 -10.90 13.65 -7.35
CA GLY A 45 -11.39 13.02 -8.56
C GLY A 45 -12.87 13.22 -8.80
N TYR A 46 -13.59 13.68 -7.77
CA TYR A 46 -15.04 13.90 -7.85
C TYR A 46 -15.39 15.27 -7.28
N GLU A 47 -14.62 16.26 -7.70
CA GLU A 47 -14.72 17.65 -7.17
C GLU A 47 -16.08 18.34 -7.37
N SER A 48 -16.87 17.87 -8.33
CA SER A 48 -18.19 18.44 -8.59
C SER A 48 -19.29 17.97 -7.64
N PHE A 49 -18.93 17.05 -6.75
CA PHE A 49 -19.91 16.30 -5.95
C PHE A 49 -19.58 16.28 -4.49
N GLY A 50 -20.58 16.05 -3.64
CA GLY A 50 -20.36 15.81 -2.23
C GLY A 50 -19.85 14.40 -1.91
N THR A 51 -19.92 14.03 -0.63
CA THR A 51 -19.35 12.75 -0.17
C THR A 51 -20.40 11.97 0.61
N ILE A 52 -20.58 10.71 0.22
CA ILE A 52 -21.42 9.75 0.99
C ILE A 52 -20.54 9.12 2.06
N VAL A 53 -21.04 9.11 3.29
CA VAL A 53 -20.35 8.52 4.44
C VAL A 53 -21.20 7.37 4.95
N ILE A 54 -20.69 6.15 4.84
CA ILE A 54 -21.44 4.94 5.27
C ILE A 54 -20.89 4.50 6.61
N THR A 55 -21.74 4.25 7.61
CA THR A 55 -21.25 3.77 8.91
C THR A 55 -21.83 2.39 9.15
N TYR A 56 -20.94 1.44 9.34
CA TYR A 56 -21.33 0.07 9.77
C TYR A 56 -21.02 -0.08 11.23
N SER A 57 -22.02 -0.53 11.96
CA SER A 57 -21.88 -0.74 13.42
C SER A 57 -22.32 -2.18 13.71
N MET A 58 -21.32 -3.07 13.89
CA MET A 58 -21.59 -4.51 13.97
C MET A 58 -21.43 -5.00 15.40
N LYS A 59 -22.34 -5.86 15.81
CA LYS A 59 -22.40 -6.32 17.20
C LYS A 59 -21.47 -7.47 17.47
N ALA A 60 -20.93 -7.48 18.69
CA ALA A 60 -20.31 -8.66 19.27
C ALA A 60 -21.29 -9.83 19.25
N GLY A 61 -20.75 -11.04 19.12
CA GLY A 61 -21.61 -12.23 19.16
C GLY A 61 -20.87 -13.52 19.42
N ILE A 62 -21.57 -14.63 19.16
CA ILE A 62 -21.00 -15.98 19.28
C ILE A 62 -21.09 -16.65 17.92
N GLN A 63 -19.98 -17.18 17.45
CA GLN A 63 -19.97 -17.88 16.18
C GLN A 63 -21.00 -19.02 16.17
N THR A 64 -21.71 -19.11 15.03
CA THR A 64 -22.76 -20.08 14.76
C THR A 64 -22.13 -21.23 14.00
N GLU A 65 -22.96 -22.24 13.67
CA GLU A 65 -22.52 -23.30 12.78
C GLU A 65 -22.21 -22.77 11.38
N GLU A 66 -22.67 -21.55 11.08
CA GLU A 66 -22.37 -20.89 9.81
C GLU A 66 -20.98 -20.26 9.78
N HIS A 67 -20.27 -20.28 10.91
CA HIS A 67 -18.96 -19.64 11.03
C HIS A 67 -17.88 -20.68 11.22
N PRO A 68 -16.61 -20.29 11.02
CA PRO A 68 -15.52 -21.27 11.03
C PRO A 68 -15.16 -21.89 12.38
N ASN A 69 -15.53 -21.24 13.48
CA ASN A 69 -15.22 -21.71 14.82
C ASN A 69 -16.46 -21.63 15.74
N PRO A 70 -17.50 -22.46 15.46
CA PRO A 70 -18.75 -22.34 16.23
C PRO A 70 -18.55 -22.33 17.73
N GLY A 71 -19.24 -21.43 18.41
CA GLY A 71 -19.15 -21.36 19.87
C GLY A 71 -18.22 -20.29 20.43
N LYS A 72 -17.28 -19.79 19.62
CA LYS A 72 -16.29 -18.81 20.07
C LYS A 72 -16.83 -17.40 19.86
N ARG A 73 -16.63 -16.56 20.87
CA ARG A 73 -17.08 -15.18 20.83
C ARG A 73 -16.18 -14.37 19.87
N TYR A 74 -16.76 -13.32 19.32
CA TYR A 74 -16.02 -12.30 18.56
C TYR A 74 -16.52 -10.93 19.05
N PRO A 75 -15.63 -9.92 19.09
CA PRO A 75 -16.09 -8.56 19.45
C PRO A 75 -16.75 -7.83 18.27
N GLY A 76 -17.41 -6.73 18.54
CA GLY A 76 -18.04 -5.96 17.44
C GLY A 76 -16.99 -5.12 16.76
N ILE A 77 -17.38 -4.47 15.67
N ILE A 77 -17.40 -4.48 15.65
CA ILE A 77 -16.47 -3.52 15.04
CA ILE A 77 -16.53 -3.65 14.79
C ILE A 77 -17.32 -2.37 14.56
C ILE A 77 -17.31 -2.43 14.33
N GLN A 78 -16.64 -1.28 14.23
CA GLN A 78 -17.28 -0.10 13.66
C GLN A 78 -16.38 0.34 12.51
N ARG A 79 -16.97 0.54 11.34
CA ARG A 79 -16.18 0.93 10.18
C ARG A 79 -16.96 1.96 9.40
N THR A 80 -16.25 2.94 8.83
CA THR A 80 -16.87 4.00 8.00
C THR A 80 -16.23 3.99 6.61
N ALA A 81 -17.06 4.02 5.57
CA ALA A 81 -16.60 4.04 4.17
C ALA A 81 -17.08 5.29 3.45
N TYR A 82 -16.39 5.63 2.37
CA TYR A 82 -16.67 6.90 1.64
C TYR A 82 -16.90 6.60 0.16
N LEU A 83 -17.86 7.31 -0.40
CA LEU A 83 -18.19 7.28 -1.85
C LEU A 83 -18.49 8.68 -2.33
N PRO A 84 -18.24 8.97 -3.64
CA PRO A 84 -18.69 10.28 -4.13
C PRO A 84 -20.21 10.32 -4.26
N ASP A 85 -20.80 11.47 -3.99
CA ASP A 85 -22.25 11.61 -4.05
C ASP A 85 -22.67 12.00 -5.47
N ASN A 86 -22.47 11.07 -6.40
CA ASN A 86 -22.87 11.27 -7.77
C ASN A 86 -23.74 10.06 -8.18
N LYS A 87 -24.18 10.00 -9.43
CA LYS A 87 -25.10 8.92 -9.85
C LYS A 87 -24.43 7.57 -9.62
N GLU A 88 -23.17 7.45 -10.00
CA GLU A 88 -22.49 6.17 -9.86
C GLU A 88 -22.26 5.78 -8.41
N GLY A 89 -21.87 6.74 -7.59
CA GLY A 89 -21.69 6.49 -6.16
C GLY A 89 -22.98 6.09 -5.48
N ARG A 90 -24.10 6.72 -5.86
CA ARG A 90 -25.39 6.35 -5.26
C ARG A 90 -25.82 4.97 -5.74
N LYS A 91 -25.45 4.58 -6.96
CA LYS A 91 -25.75 3.22 -7.45
C LYS A 91 -24.94 2.22 -6.63
N VAL A 92 -23.65 2.51 -6.40
CA VAL A 92 -22.85 1.62 -5.53
C VAL A 92 -23.43 1.55 -4.12
N LEU A 93 -23.92 2.67 -3.57
CA LEU A 93 -24.56 2.65 -2.24
C LEU A 93 -25.74 1.68 -2.23
N LYS A 94 -26.58 1.76 -3.29
CA LYS A 94 -27.69 0.85 -3.40
C LYS A 94 -27.22 -0.61 -3.46
N LEU A 95 -26.17 -0.89 -4.22
CA LEU A 95 -25.63 -2.25 -4.32
C LEU A 95 -25.03 -2.73 -3.00
N LEU A 96 -24.39 -1.83 -2.27
CA LEU A 96 -23.85 -2.17 -0.94
C LEU A 96 -24.97 -2.46 0.06
N TYR A 97 -26.07 -1.71 0.00
CA TYR A 97 -27.25 -2.05 0.83
C TYR A 97 -27.77 -3.45 0.51
N ARG A 98 -27.77 -3.81 -0.78
CA ARG A 98 -28.20 -5.15 -1.21
C ARG A 98 -27.26 -6.21 -0.64
N ALA A 99 -25.96 -5.94 -0.70
CA ALA A 99 -24.99 -6.89 -0.17
C ALA A 99 -25.14 -7.02 1.33
N PHE A 100 -25.40 -5.90 2.00
CA PHE A 100 -25.60 -5.92 3.47
C PHE A 100 -26.85 -6.76 3.85
N ASP A 101 -27.91 -6.66 3.03
CA ASP A 101 -29.17 -7.41 3.21
C ASP A 101 -28.91 -8.88 2.99
N GLN A 102 -28.03 -9.18 2.05
CA GLN A 102 -27.65 -10.58 1.79
C GLN A 102 -26.58 -11.10 2.72
N LYS A 103 -26.21 -10.30 3.71
CA LYS A 103 -25.28 -10.67 4.80
C LYS A 103 -23.89 -10.96 4.24
N LEU A 104 -23.44 -10.11 3.29
CA LEU A 104 -22.19 -10.32 2.54
C LEU A 104 -21.11 -9.25 2.73
N ILE A 105 -21.39 -8.18 3.45
CA ILE A 105 -20.37 -7.11 3.57
C ILE A 105 -19.24 -7.56 4.49
N PHE A 106 -19.61 -8.23 5.59
CA PHE A 106 -18.62 -8.75 6.51
C PHE A 106 -18.79 -10.25 6.69
N THR A 107 -17.74 -10.86 7.20
CA THR A 107 -17.79 -12.23 7.67
C THR A 107 -17.09 -12.32 9.04
N VAL A 108 -16.96 -13.52 9.58
CA VAL A 108 -16.19 -13.74 10.82
C VAL A 108 -15.18 -14.83 10.51
N GLY A 109 -13.93 -14.58 10.86
CA GLY A 109 -12.91 -15.64 10.75
C GLY A 109 -11.54 -15.03 10.81
N TYR A 110 -10.66 -15.58 10.01
CA TYR A 110 -9.28 -15.18 10.06
C TYR A 110 -9.05 -13.87 9.35
N SER A 111 -8.24 -13.03 9.99
CA SER A 111 -7.85 -11.75 9.44
C SER A 111 -6.41 -11.89 8.96
N ARG A 112 -6.21 -11.81 7.64
CA ARG A 112 -4.98 -12.26 6.97
C ARG A 112 -3.65 -11.61 7.43
N VAL A 113 -3.65 -10.31 7.49
CA VAL A 113 -2.44 -9.55 7.80
C VAL A 113 -1.86 -9.85 9.19
N LEU A 114 -2.71 -9.80 10.21
CA LEU A 114 -2.25 -10.03 11.59
C LEU A 114 -2.21 -11.49 11.94
N GLY A 115 -2.97 -12.28 11.19
CA GLY A 115 -3.05 -13.68 11.46
C GLY A 115 -3.74 -13.84 12.80
N VAL A 116 -4.79 -13.05 13.02
CA VAL A 116 -5.62 -13.37 14.16
C VAL A 116 -6.92 -13.95 13.64
N SER A 117 -7.54 -14.81 14.41
CA SER A 117 -8.81 -15.36 13.98
CA SER A 117 -8.82 -15.35 13.96
CA SER A 117 -8.80 -15.41 14.01
C SER A 117 -9.94 -14.94 14.90
N ASP A 118 -11.16 -15.44 14.62
CA ASP A 118 -12.35 -15.18 15.42
C ASP A 118 -12.61 -13.69 15.51
N VAL A 119 -12.46 -13.01 14.39
CA VAL A 119 -12.80 -11.58 14.36
C VAL A 119 -13.69 -11.25 13.16
N ILE A 120 -14.37 -10.11 13.25
CA ILE A 120 -15.15 -9.64 12.10
C ILE A 120 -14.20 -9.10 11.07
N THR A 121 -14.37 -9.56 9.83
CA THR A 121 -13.51 -9.07 8.72
C THR A 121 -14.37 -8.62 7.56
N TRP A 122 -13.76 -7.87 6.64
CA TRP A 122 -14.37 -7.66 5.35
C TRP A 122 -14.49 -8.99 4.58
N ASN A 123 -15.20 -8.96 3.46
CA ASN A 123 -15.59 -10.17 2.75
C ASN A 123 -15.44 -9.96 1.24
N ASP A 124 -14.28 -9.45 0.86
CA ASP A 124 -13.90 -9.29 -0.56
C ASP A 124 -14.68 -8.24 -1.33
N ILE A 125 -15.28 -7.29 -0.62
CA ILE A 125 -15.87 -6.11 -1.26
C ILE A 125 -15.14 -4.96 -0.59
N HIS A 126 -14.23 -4.35 -1.34
CA HIS A 126 -13.33 -3.33 -0.75
C HIS A 126 -14.05 -1.99 -0.56
N HIS A 127 -13.90 -1.45 0.63
CA HIS A 127 -14.42 -0.13 0.97
C HIS A 127 -13.29 0.87 1.23
N LYS A 128 -13.48 2.09 0.72
CA LYS A 128 -12.56 3.19 0.97
C LYS A 128 -12.83 3.72 2.36
N THR A 129 -11.90 3.47 3.27
CA THR A 129 -12.10 3.84 4.67
C THR A 129 -11.35 5.15 4.99
N SER A 130 -10.70 5.73 3.97
CA SER A 130 -10.08 7.06 4.07
C SER A 130 -10.67 7.97 3.00
N ARG A 131 -10.75 9.26 3.30
CA ARG A 131 -11.14 10.21 2.28
C ARG A 131 -9.98 10.48 1.30
N PHE A 132 -8.78 10.72 1.85
CA PHE A 132 -7.62 11.17 1.08
C PHE A 132 -6.48 10.13 1.11
N GLY A 133 -5.45 10.37 0.30
CA GLY A 133 -4.25 9.56 0.37
C GLY A 133 -4.08 8.54 -0.73
N GLY A 134 -5.12 8.40 -1.56
CA GLY A 134 -5.09 7.47 -2.69
C GLY A 134 -5.07 6.02 -2.23
N PRO A 135 -4.88 5.09 -3.18
CA PRO A 135 -5.00 3.66 -2.83
C PRO A 135 -4.07 3.18 -1.73
N GLU A 136 -2.88 3.79 -1.60
CA GLU A 136 -1.95 3.36 -0.53
C GLU A 136 -2.61 3.48 0.83
N MET A 137 -3.51 4.47 0.96
CA MET A 137 -4.16 4.81 2.21
C MET A 137 -5.64 4.40 2.22
N TYR A 138 -6.05 3.58 1.25
CA TYR A 138 -7.43 3.16 1.10
C TYR A 138 -8.33 4.40 0.97
N GLY A 139 -7.86 5.40 0.22
CA GLY A 139 -8.62 6.63 0.03
C GLY A 139 -8.60 7.07 -1.41
N TYR A 140 -9.05 8.31 -1.65
CA TYR A 140 -9.12 8.88 -3.00
C TYR A 140 -7.95 9.88 -3.21
N PRO A 141 -7.57 10.17 -4.47
CA PRO A 141 -8.20 9.77 -5.71
C PRO A 141 -7.91 8.32 -6.05
N ASP A 142 -8.87 7.68 -6.70
CA ASP A 142 -8.69 6.34 -7.20
C ASP A 142 -9.68 6.19 -8.33
N PRO A 143 -9.26 6.59 -9.56
CA PRO A 143 -10.26 6.70 -10.64
C PRO A 143 -10.99 5.41 -11.02
N SER A 144 -10.38 4.25 -10.78
CA SER A 144 -11.06 3.01 -11.13
C SER A 144 -11.78 2.34 -9.98
N TYR A 145 -11.76 2.94 -8.80
CA TYR A 145 -12.38 2.27 -7.64
C TYR A 145 -13.84 1.92 -7.86
N LEU A 146 -14.66 2.87 -8.34
CA LEU A 146 -16.08 2.52 -8.45
C LEU A 146 -16.30 1.33 -9.40
N LYS A 147 -15.56 1.27 -10.51
CA LYS A 147 -15.57 0.12 -11.40
C LYS A 147 -15.18 -1.18 -10.66
N ARG A 148 -14.10 -1.11 -9.87
CA ARG A 148 -13.60 -2.29 -9.15
C ARG A 148 -14.60 -2.80 -8.16
N VAL A 149 -15.20 -1.90 -7.38
CA VAL A 149 -16.14 -2.36 -6.34
C VAL A 149 -17.39 -2.98 -7.02
N LYS A 150 -17.83 -2.41 -8.14
CA LYS A 150 -18.92 -3.05 -8.89
C LYS A 150 -18.56 -4.46 -9.35
N GLU A 151 -17.30 -4.67 -9.76
CA GLU A 151 -16.83 -6.01 -10.18
C GLU A 151 -16.92 -6.95 -8.99
N GLU A 152 -16.51 -6.47 -7.81
CA GLU A 152 -16.52 -7.30 -6.60
C GLU A 152 -17.93 -7.66 -6.18
N LEU A 153 -18.86 -6.71 -6.34
CA LEU A 153 -20.30 -6.97 -6.05
C LEU A 153 -20.91 -7.97 -7.06
N LYS A 154 -20.59 -7.80 -8.34
CA LYS A 154 -21.00 -8.74 -9.37
C LYS A 154 -20.50 -10.16 -9.07
N ALA A 155 -19.30 -10.29 -8.52
CA ALA A 155 -18.77 -11.61 -8.20
C ALA A 155 -19.58 -12.30 -7.11
N LYS A 156 -20.33 -11.51 -6.33
CA LYS A 156 -21.30 -12.01 -5.33
C LYS A 156 -22.72 -12.13 -5.90
N GLY A 157 -22.88 -11.85 -7.18
CA GLY A 157 -24.18 -11.94 -7.85
C GLY A 157 -25.04 -10.70 -7.69
N ILE A 158 -24.40 -9.56 -7.40
CA ILE A 158 -25.12 -8.32 -7.11
C ILE A 158 -24.78 -7.28 -8.17
N GLU A 159 -25.73 -6.98 -9.05
CA GLU A 159 -25.49 -5.97 -10.07
C GLU A 159 -26.69 -5.08 -10.38
N LYS B 26 18.30 18.74 -1.89
CA LYS B 26 19.59 19.18 -2.48
C LYS B 26 20.04 18.42 -3.73
N GLY B 27 19.26 17.46 -4.22
CA GLY B 27 19.56 16.84 -5.51
C GLY B 27 18.56 17.28 -6.55
N ASN B 28 18.66 16.68 -7.74
CA ASN B 28 17.76 16.99 -8.87
C ASN B 28 16.98 15.75 -9.34
N GLN B 29 16.71 14.86 -8.40
CA GLN B 29 15.92 13.66 -8.68
C GLN B 29 14.58 14.00 -9.38
N PRO B 30 14.20 13.20 -10.39
CA PRO B 30 12.85 13.32 -10.94
C PRO B 30 11.71 13.10 -9.93
N GLU B 31 10.51 13.49 -10.31
CA GLU B 31 9.34 13.24 -9.49
C GLU B 31 9.17 11.73 -9.36
N GLY B 32 8.69 11.29 -8.21
CA GLY B 32 8.43 9.85 -8.03
C GLY B 32 8.12 9.50 -6.61
N SER B 33 7.98 8.21 -6.35
CA SER B 33 7.60 7.74 -5.04
C SER B 33 8.48 6.60 -4.58
N MET B 34 8.57 6.44 -3.27
CA MET B 34 9.36 5.41 -2.64
C MET B 34 8.46 4.74 -1.62
N VAL B 35 8.29 3.42 -1.74
CA VAL B 35 7.51 2.66 -0.75
C VAL B 35 8.31 1.46 -0.30
N PHE B 36 7.87 0.80 0.77
CA PHE B 36 8.58 -0.42 1.21
C PHE B 36 7.61 -1.41 1.81
N THR B 37 8.03 -2.66 1.77
CA THR B 37 7.29 -3.73 2.42
C THR B 37 8.30 -4.72 2.94
N VAL B 38 7.84 -5.78 3.59
N VAL B 38 7.86 -5.75 3.63
CA VAL B 38 8.73 -6.74 4.22
CA VAL B 38 8.78 -6.74 4.13
C VAL B 38 8.27 -8.17 3.93
C VAL B 38 8.28 -8.12 3.71
N SER B 39 9.22 -9.04 3.63
CA SER B 39 8.96 -10.46 3.46
C SER B 39 9.63 -11.23 4.62
N ARG B 40 9.09 -12.41 4.95
CA ARG B 40 9.71 -13.26 6.01
C ARG B 40 10.93 -13.98 5.52
N ASP B 41 11.06 -14.12 4.20
CA ASP B 41 12.23 -14.81 3.60
C ASP B 41 13.51 -14.03 3.82
N SER B 42 14.66 -14.73 3.90
CA SER B 42 15.93 -14.16 4.28
C SER B 42 16.84 -13.90 3.07
N LEU B 43 17.74 -12.94 3.24
CA LEU B 43 18.84 -12.73 2.29
C LEU B 43 20.08 -13.51 2.72
N PRO B 44 20.85 -14.05 1.76
CA PRO B 44 22.11 -14.71 2.10
C PRO B 44 23.01 -13.83 2.97
N GLY B 45 23.57 -14.41 4.04
CA GLY B 45 24.34 -13.64 5.00
C GLY B 45 23.52 -13.07 6.16
N TYR B 46 22.19 -13.07 6.00
CA TYR B 46 21.29 -12.46 6.97
C TYR B 46 20.14 -13.41 7.26
N GLU B 47 20.51 -14.68 7.42
CA GLU B 47 19.56 -15.77 7.57
C GLU B 47 18.65 -15.67 8.80
N SER B 48 19.05 -14.94 9.84
CA SER B 48 18.14 -14.73 11.01
C SER B 48 16.98 -13.77 10.75
N PHE B 49 16.99 -13.09 9.61
CA PHE B 49 16.11 -11.94 9.38
C PHE B 49 15.29 -12.05 8.10
N GLY B 50 14.20 -11.28 8.06
CA GLY B 50 13.43 -11.08 6.84
C GLY B 50 14.08 -10.15 5.85
N THR B 51 13.30 -9.77 4.85
CA THR B 51 13.83 -8.96 3.74
C THR B 51 12.97 -7.72 3.59
N ILE B 52 13.59 -6.54 3.58
CA ILE B 52 12.91 -5.28 3.26
C ILE B 52 12.98 -5.11 1.75
N VAL B 53 11.81 -4.85 1.16
CA VAL B 53 11.67 -4.66 -0.31
C VAL B 53 11.27 -3.21 -0.53
N ILE B 54 12.13 -2.45 -1.23
CA ILE B 54 11.90 -1.02 -1.49
C ILE B 54 11.53 -0.87 -2.95
N THR B 55 10.42 -0.19 -3.24
CA THR B 55 10.03 0.02 -4.66
C THR B 55 10.06 1.50 -4.94
N TYR B 56 10.80 1.87 -6.00
CA TYR B 56 10.86 3.26 -6.48
C TYR B 56 10.10 3.31 -7.81
N SER B 57 9.10 4.19 -7.96
N SER B 57 9.27 4.36 -7.93
CA SER B 57 8.55 4.41 -9.30
CA SER B 57 8.39 4.55 -9.07
C SER B 57 8.71 5.90 -9.54
C SER B 57 8.58 5.99 -9.59
N MET B 58 9.44 6.17 -10.60
CA MET B 58 9.83 7.53 -11.00
C MET B 58 9.18 7.94 -12.27
N LYS B 59 8.75 9.20 -12.34
CA LYS B 59 7.96 9.69 -13.46
C LYS B 59 8.83 10.23 -14.59
N ALA B 60 8.33 10.03 -15.80
CA ALA B 60 8.87 10.72 -16.97
C ALA B 60 8.80 12.22 -16.78
N GLY B 61 9.74 12.92 -17.41
CA GLY B 61 9.80 14.37 -17.32
C GLY B 61 10.63 14.98 -18.39
N ILE B 62 10.95 16.26 -18.19
CA ILE B 62 11.79 17.03 -19.11
C ILE B 62 12.96 17.55 -18.32
N GLN B 63 14.17 17.37 -18.83
CA GLN B 63 15.33 17.84 -18.09
C GLN B 63 15.28 19.34 -17.80
N THR B 64 15.70 19.69 -16.59
CA THR B 64 15.83 21.09 -16.17
C THR B 64 17.26 21.62 -16.38
N GLU B 65 17.51 22.87 -15.97
CA GLU B 65 18.85 23.41 -16.02
C GLU B 65 19.78 22.77 -15.01
N GLU B 66 19.22 21.95 -14.13
N GLU B 66 19.26 21.98 -14.10
CA GLU B 66 19.96 21.18 -13.12
CA GLU B 66 20.11 21.27 -13.17
C GLU B 66 20.42 19.84 -13.66
C GLU B 66 20.64 19.99 -13.79
N HIS B 67 20.03 19.55 -14.90
CA HIS B 67 20.37 18.28 -15.55
C HIS B 67 21.32 18.51 -16.72
N PRO B 68 21.94 17.43 -17.23
CA PRO B 68 23.00 17.64 -18.23
C PRO B 68 22.52 18.08 -19.62
N ASN B 69 21.25 17.85 -19.94
CA ASN B 69 20.76 18.17 -21.28
C ASN B 69 19.41 18.86 -21.15
N PRO B 70 19.42 20.11 -20.70
CA PRO B 70 18.14 20.80 -20.41
C PRO B 70 17.18 20.76 -21.60
N GLY B 71 15.90 20.50 -21.34
CA GLY B 71 14.92 20.48 -22.40
C GLY B 71 14.60 19.12 -22.99
N LYS B 72 15.47 18.15 -22.73
CA LYS B 72 15.31 16.82 -23.33
C LYS B 72 14.47 15.95 -22.41
N ARG B 73 13.50 15.27 -23.00
CA ARG B 73 12.63 14.32 -22.28
C ARG B 73 13.38 13.08 -21.80
N TYR B 74 12.99 12.54 -20.64
CA TYR B 74 13.46 11.23 -20.18
C TYR B 74 12.23 10.42 -19.78
N PRO B 75 12.26 9.09 -19.99
CA PRO B 75 11.14 8.24 -19.59
C PRO B 75 11.19 7.92 -18.11
N GLY B 76 10.09 7.44 -17.56
CA GLY B 76 10.11 7.01 -16.17
C GLY B 76 10.83 5.66 -16.03
N ILE B 77 11.14 5.33 -14.78
CA ILE B 77 11.75 4.04 -14.47
C ILE B 77 11.11 3.47 -13.21
N GLN B 78 11.26 2.15 -13.03
CA GLN B 78 10.82 1.53 -11.78
C GLN B 78 12.00 0.67 -11.34
N ARG B 79 12.31 0.71 -10.05
CA ARG B 79 13.39 -0.12 -9.54
C ARG B 79 12.98 -0.66 -8.17
N THR B 80 13.47 -1.86 -7.85
CA THR B 80 13.23 -2.47 -6.54
C THR B 80 14.57 -2.83 -5.93
N ALA B 81 14.74 -2.52 -4.65
CA ALA B 81 15.99 -2.79 -3.92
C ALA B 81 15.68 -3.61 -2.69
N TYR B 82 16.69 -4.33 -2.19
CA TYR B 82 16.50 -5.27 -1.09
C TYR B 82 17.49 -5.01 0.03
N LEU B 83 17.01 -5.13 1.27
CA LEU B 83 17.85 -4.97 2.47
C LEU B 83 17.45 -6.06 3.46
N PRO B 84 18.37 -6.45 4.36
CA PRO B 84 17.99 -7.39 5.43
C PRO B 84 17.14 -6.65 6.46
N ASP B 85 16.12 -7.33 7.00
CA ASP B 85 15.28 -6.71 8.01
C ASP B 85 15.92 -6.91 9.40
N ASN B 86 17.08 -6.29 9.61
CA ASN B 86 17.75 -6.26 10.90
C ASN B 86 17.92 -4.81 11.34
N LYS B 87 18.52 -4.59 12.50
CA LYS B 87 18.65 -3.24 12.98
C LYS B 87 19.38 -2.35 11.97
N GLU B 88 20.52 -2.81 11.44
CA GLU B 88 21.28 -1.98 10.50
C GLU B 88 20.55 -1.76 9.19
N GLY B 89 19.87 -2.79 8.70
CA GLY B 89 19.10 -2.69 7.44
C GLY B 89 17.95 -1.70 7.62
N ARG B 90 17.29 -1.75 8.78
CA ARG B 90 16.24 -0.79 9.06
C ARG B 90 16.75 0.64 9.21
N LYS B 91 17.96 0.79 9.76
CA LYS B 91 18.59 2.12 9.80
C LYS B 91 18.89 2.67 8.41
N VAL B 92 19.43 1.82 7.56
CA VAL B 92 19.69 2.18 6.14
C VAL B 92 18.38 2.56 5.46
N LEU B 93 17.30 1.83 5.75
CA LEU B 93 15.99 2.17 5.18
C LEU B 93 15.58 3.60 5.51
N LYS B 94 15.72 3.99 6.78
CA LYS B 94 15.39 5.32 7.22
C LYS B 94 16.28 6.36 6.57
N LEU B 95 17.57 6.06 6.44
CA LEU B 95 18.50 6.98 5.77
C LEU B 95 18.15 7.13 4.27
N LEU B 96 17.77 6.03 3.64
CA LEU B 96 17.39 6.07 2.22
C LEU B 96 16.11 6.89 2.01
N TYR B 97 15.15 6.78 2.94
CA TYR B 97 13.97 7.69 2.93
C TYR B 97 14.34 9.16 3.00
N ARG B 98 15.28 9.48 3.90
CA ARG B 98 15.77 10.85 4.01
C ARG B 98 16.43 11.27 2.72
N ALA B 99 17.28 10.43 2.14
CA ALA B 99 17.92 10.77 0.87
C ALA B 99 16.91 11.00 -0.25
N PHE B 100 15.86 10.16 -0.32
CA PHE B 100 14.78 10.31 -1.31
C PHE B 100 14.01 11.62 -1.14
N ASP B 101 13.72 11.96 0.11
CA ASP B 101 13.05 13.22 0.41
CA ASP B 101 13.07 13.23 0.46
C ASP B 101 13.91 14.42 0.02
N GLN B 102 15.23 14.25 0.06
CA GLN B 102 16.16 15.31 -0.35
C GLN B 102 16.54 15.23 -1.81
N LYS B 103 15.82 14.40 -2.57
CA LYS B 103 16.00 14.28 -4.01
C LYS B 103 17.40 13.79 -4.39
N LEU B 104 17.94 12.88 -3.58
CA LEU B 104 19.29 12.39 -3.79
C LEU B 104 19.47 10.95 -4.29
N ILE B 105 18.41 10.15 -4.30
CA ILE B 105 18.57 8.75 -4.73
C ILE B 105 18.84 8.58 -6.25
N PHE B 106 18.11 9.36 -7.06
CA PHE B 106 18.28 9.32 -8.52
C PHE B 106 18.67 10.67 -9.05
N THR B 107 19.22 10.65 -10.27
CA THR B 107 19.49 11.84 -11.05
C THR B 107 19.14 11.52 -12.50
N VAL B 108 19.32 12.48 -13.41
CA VAL B 108 19.16 12.20 -14.82
C VAL B 108 20.56 12.34 -15.40
N GLY B 109 20.96 11.36 -16.20
CA GLY B 109 22.29 11.42 -16.78
C GLY B 109 22.68 10.15 -17.51
N TYR B 110 23.93 9.73 -17.31
CA TYR B 110 24.56 8.68 -18.11
C TYR B 110 24.49 7.38 -17.37
N SER B 111 24.02 6.35 -18.10
CA SER B 111 24.02 4.97 -17.61
C SER B 111 25.07 4.17 -18.36
N ARG B 112 26.06 3.67 -17.68
CA ARG B 112 26.99 2.78 -18.40
C ARG B 112 26.39 1.53 -18.99
N VAL B 113 25.39 0.98 -18.32
CA VAL B 113 24.86 -0.28 -18.72
C VAL B 113 23.88 -0.12 -19.88
N LEU B 114 23.34 1.06 -20.09
CA LEU B 114 22.56 1.22 -21.31
C LEU B 114 23.50 1.81 -22.39
N GLY B 115 24.64 2.33 -21.94
CA GLY B 115 25.54 3.14 -22.79
C GLY B 115 24.82 4.32 -23.37
N VAL B 116 23.90 4.92 -22.61
CA VAL B 116 23.27 6.14 -23.07
C VAL B 116 23.04 7.11 -21.93
N SER B 117 22.76 8.36 -22.30
N SER B 117 22.81 8.38 -22.29
N SER B 117 22.75 8.36 -22.29
CA SER B 117 22.42 9.41 -21.36
CA SER B 117 22.45 9.42 -21.33
CA SER B 117 22.44 9.38 -21.31
C SER B 117 20.94 9.75 -21.49
C SER B 117 20.98 9.81 -21.54
C SER B 117 20.94 9.70 -21.40
N ASP B 118 20.53 10.85 -20.85
CA ASP B 118 19.12 11.31 -20.88
C ASP B 118 18.18 10.27 -20.25
N VAL B 119 18.71 9.56 -19.25
CA VAL B 119 17.91 8.58 -18.52
C VAL B 119 17.97 8.78 -17.03
N ILE B 120 16.94 8.30 -16.32
CA ILE B 120 16.99 8.33 -14.85
C ILE B 120 17.97 7.26 -14.38
N THR B 121 18.87 7.64 -13.50
N THR B 121 18.97 7.68 -13.61
CA THR B 121 19.89 6.70 -13.07
CA THR B 121 20.05 6.81 -13.10
C THR B 121 20.18 6.89 -11.59
C THR B 121 20.13 6.87 -11.57
N TRP B 122 20.79 5.89 -10.96
CA TRP B 122 21.19 6.01 -9.56
C TRP B 122 22.22 7.17 -9.38
N ASN B 123 22.33 7.70 -8.18
CA ASN B 123 23.11 8.92 -7.88
C ASN B 123 24.17 8.58 -6.83
N ASP B 124 24.93 7.53 -7.06
CA ASP B 124 26.06 7.15 -6.20
C ASP B 124 25.72 6.68 -4.80
N ILE B 125 24.48 6.20 -4.64
CA ILE B 125 24.04 5.52 -3.42
C ILE B 125 23.65 4.17 -3.95
N HIS B 126 24.52 3.18 -3.72
CA HIS B 126 24.34 1.87 -4.35
C HIS B 126 23.20 1.06 -3.75
N HIS B 127 22.42 0.39 -4.61
CA HIS B 127 21.31 -0.45 -4.16
C HIS B 127 21.47 -1.86 -4.67
N LYS B 128 21.00 -2.81 -3.85
CA LYS B 128 20.98 -4.22 -4.26
C LYS B 128 19.64 -4.49 -4.93
N THR B 129 19.66 -4.73 -6.24
CA THR B 129 18.45 -4.91 -7.03
C THR B 129 18.17 -6.42 -7.28
N SER B 130 19.01 -7.28 -6.71
CA SER B 130 18.74 -8.73 -6.71
C SER B 130 18.77 -9.23 -5.28
N ARG B 131 18.01 -10.29 -5.00
CA ARG B 131 18.11 -10.96 -3.72
C ARG B 131 19.36 -11.82 -3.67
N PHE B 132 19.55 -12.62 -4.71
CA PHE B 132 20.62 -13.62 -4.74
C PHE B 132 21.72 -13.27 -5.74
N GLY B 133 22.75 -14.11 -5.75
CA GLY B 133 23.77 -13.99 -6.80
C GLY B 133 25.03 -13.26 -6.41
N GLY B 134 25.05 -12.68 -5.22
CA GLY B 134 26.24 -11.96 -4.75
C GLY B 134 26.52 -10.67 -5.50
N PRO B 135 27.68 -10.04 -5.23
CA PRO B 135 27.96 -8.71 -5.78
C PRO B 135 27.92 -8.60 -7.31
N GLU B 136 28.33 -9.64 -8.03
CA GLU B 136 28.35 -9.61 -9.49
C GLU B 136 26.93 -9.43 -10.06
N MET B 137 25.93 -9.90 -9.29
CA MET B 137 24.54 -9.81 -9.69
C MET B 137 23.78 -8.72 -8.92
N TYR B 138 24.51 -7.84 -8.26
CA TYR B 138 23.90 -6.75 -7.46
C TYR B 138 23.00 -7.35 -6.39
N GLY B 139 23.41 -8.49 -5.83
CA GLY B 139 22.64 -9.18 -4.80
C GLY B 139 23.47 -9.58 -3.60
N TYR B 140 22.90 -10.47 -2.81
CA TYR B 140 23.51 -11.00 -1.60
C TYR B 140 23.98 -12.44 -1.86
N PRO B 141 24.97 -12.94 -1.09
CA PRO B 141 25.63 -12.33 0.05
C PRO B 141 26.57 -11.20 -0.34
N ASP B 142 26.67 -10.21 0.55
CA ASP B 142 27.64 -9.15 0.40
C ASP B 142 27.88 -8.53 1.79
N PRO B 143 28.87 -9.07 2.52
CA PRO B 143 29.13 -8.64 3.90
C PRO B 143 29.51 -7.16 4.05
N SER B 144 29.97 -6.52 2.99
CA SER B 144 30.37 -5.13 3.16
C SER B 144 29.37 -4.11 2.64
N TYR B 145 28.23 -4.61 2.13
CA TYR B 145 27.27 -3.73 1.49
C TYR B 145 26.68 -2.71 2.46
N LEU B 146 26.18 -3.14 3.63
CA LEU B 146 25.54 -2.17 4.52
C LEU B 146 26.50 -1.06 4.93
N LYS B 147 27.75 -1.41 5.24
CA LYS B 147 28.79 -0.43 5.51
C LYS B 147 29.00 0.53 4.34
N ARG B 148 29.08 -0.01 3.13
N ARG B 148 29.09 0.01 3.11
CA ARG B 148 29.30 0.74 1.89
CA ARG B 148 29.31 0.83 1.91
C ARG B 148 28.20 1.78 1.67
C ARG B 148 28.18 1.83 1.71
N VAL B 149 26.94 1.37 1.76
CA VAL B 149 25.82 2.26 1.50
C VAL B 149 25.69 3.35 2.58
N LYS B 150 25.97 3.01 3.84
CA LYS B 150 26.01 3.99 4.92
C LYS B 150 27.07 5.06 4.66
N GLU B 151 28.21 4.66 4.13
CA GLU B 151 29.27 5.62 3.80
C GLU B 151 28.86 6.53 2.66
N GLU B 152 28.13 5.97 1.69
CA GLU B 152 27.70 6.72 0.52
C GLU B 152 26.66 7.75 0.94
N LEU B 153 25.80 7.39 1.90
CA LEU B 153 24.81 8.31 2.43
C LEU B 153 25.51 9.41 3.21
N LYS B 154 26.46 9.03 4.04
CA LYS B 154 27.28 9.98 4.85
C LYS B 154 27.94 11.02 3.95
N ALA B 155 28.41 10.61 2.78
CA ALA B 155 29.03 11.53 1.82
C ALA B 155 28.05 12.59 1.30
N LYS B 156 26.77 12.25 1.29
CA LYS B 156 25.73 13.17 0.85
C LYS B 156 25.14 14.01 1.99
N GLY B 157 25.67 13.84 3.20
CA GLY B 157 25.19 14.57 4.39
C GLY B 157 24.13 13.86 5.23
N ILE B 158 23.79 12.64 4.83
CA ILE B 158 22.73 11.85 5.48
C ILE B 158 23.34 10.83 6.41
N GLU B 159 23.19 11.05 7.72
CA GLU B 159 23.80 10.19 8.70
C GLU B 159 22.87 9.89 9.88
N GLN C 25 6.54 -20.96 -29.16
CA GLN C 25 7.26 -22.11 -28.54
C GLN C 25 8.51 -21.71 -27.70
N LYS C 26 9.70 -21.51 -28.29
CA LYS C 26 10.91 -21.22 -27.48
C LYS C 26 11.72 -19.98 -27.92
N GLY C 27 12.23 -19.21 -26.94
CA GLY C 27 12.94 -17.98 -27.26
C GLY C 27 14.43 -17.99 -26.97
N ASN C 28 15.00 -16.79 -26.84
CA ASN C 28 16.45 -16.59 -26.74
C ASN C 28 16.83 -15.76 -25.50
N GLN C 29 16.05 -15.96 -24.44
CA GLN C 29 16.33 -15.33 -23.15
C GLN C 29 17.74 -15.65 -22.71
N PRO C 30 18.45 -14.67 -22.14
CA PRO C 30 19.77 -14.90 -21.51
C PRO C 30 19.70 -15.84 -20.31
N GLU C 31 20.88 -16.24 -19.84
CA GLU C 31 20.95 -17.04 -18.62
C GLU C 31 20.54 -16.18 -17.44
N GLY C 32 19.95 -16.84 -16.46
CA GLY C 32 19.61 -16.15 -15.22
C GLY C 32 18.56 -16.90 -14.46
N SER C 33 18.00 -16.23 -13.45
CA SER C 33 17.15 -16.92 -12.51
C SER C 33 15.87 -16.15 -12.26
N MET C 34 14.83 -16.88 -11.91
CA MET C 34 13.53 -16.32 -11.53
C MET C 34 13.20 -16.86 -10.14
N VAL C 35 12.98 -15.96 -9.19
CA VAL C 35 12.59 -16.36 -7.81
C VAL C 35 11.41 -15.51 -7.37
N PHE C 36 10.73 -15.94 -6.32
CA PHE C 36 9.67 -15.07 -5.78
C PHE C 36 9.62 -15.15 -4.25
N THR C 37 8.96 -14.16 -3.67
CA THR C 37 8.65 -14.15 -2.25
C THR C 37 7.31 -13.43 -2.07
N VAL C 38 6.77 -13.44 -0.87
CA VAL C 38 5.47 -12.80 -0.65
C VAL C 38 5.57 -11.80 0.49
N SER C 39 4.71 -10.79 0.42
CA SER C 39 4.52 -9.84 1.52
C SER C 39 3.05 -9.88 1.95
N ARG C 40 2.81 -9.54 3.23
N ARG C 40 2.77 -9.54 3.22
CA ARG C 40 1.45 -9.44 3.74
CA ARG C 40 1.36 -9.44 3.67
C ARG C 40 0.70 -8.26 3.13
C ARG C 40 0.67 -8.18 3.21
N ASP C 41 1.42 -7.25 2.64
CA ASP C 41 0.78 -6.01 2.13
C ASP C 41 0.03 -6.27 0.82
N SER C 42 -0.98 -5.46 0.54
N SER C 42 -1.03 -5.51 0.56
CA SER C 42 -1.87 -5.71 -0.63
CA SER C 42 -1.85 -5.75 -0.66
C SER C 42 -1.62 -4.74 -1.78
C SER C 42 -1.44 -4.83 -1.79
N LEU C 43 -1.86 -5.23 -2.99
CA LEU C 43 -1.86 -4.34 -4.19
C LEU C 43 -3.25 -3.74 -4.36
N PRO C 44 -3.34 -2.50 -4.80
CA PRO C 44 -4.65 -1.93 -5.11
C PRO C 44 -5.45 -2.78 -6.11
N GLY C 45 -6.74 -2.96 -5.80
CA GLY C 45 -7.63 -3.87 -6.52
C GLY C 45 -7.67 -5.28 -5.97
N TYR C 46 -6.71 -5.59 -5.07
CA TYR C 46 -6.52 -6.94 -4.50
C TYR C 46 -6.32 -6.86 -3.00
N GLU C 47 -7.14 -6.01 -2.37
CA GLU C 47 -6.93 -5.63 -0.96
C GLU C 47 -7.22 -6.77 0.03
N SER C 48 -7.79 -7.88 -0.43
CA SER C 48 -7.98 -9.04 0.45
C SER C 48 -6.75 -9.94 0.49
N PHE C 49 -5.74 -9.63 -0.31
CA PHE C 49 -4.63 -10.57 -0.53
C PHE C 49 -3.28 -9.92 -0.33
N GLY C 50 -2.25 -10.75 -0.12
CA GLY C 50 -0.90 -10.26 -0.04
C GLY C 50 -0.33 -10.04 -1.42
N THR C 51 0.97 -9.82 -1.46
CA THR C 51 1.67 -9.44 -2.73
C THR C 51 2.79 -10.43 -3.03
N ILE C 52 2.77 -10.97 -4.25
CA ILE C 52 3.89 -11.77 -4.80
C ILE C 52 4.92 -10.81 -5.39
N VAL C 53 6.19 -11.02 -5.00
CA VAL C 53 7.31 -10.18 -5.51
C VAL C 53 8.20 -11.14 -6.28
N ILE C 54 8.32 -10.94 -7.59
CA ILE C 54 9.14 -11.79 -8.46
C ILE C 54 10.44 -11.05 -8.73
N THR C 55 11.57 -11.72 -8.53
CA THR C 55 12.87 -11.11 -8.86
C THR C 55 13.49 -11.90 -10.02
N TYR C 56 13.84 -11.18 -11.09
CA TYR C 56 14.58 -11.79 -12.19
C TYR C 56 16.01 -11.28 -12.13
N SER C 57 16.97 -12.18 -12.16
CA SER C 57 18.37 -11.80 -12.07
C SER C 57 19.07 -12.43 -13.28
N MET C 58 19.33 -11.63 -14.32
CA MET C 58 19.83 -12.12 -15.61
C MET C 58 21.29 -11.79 -15.78
N LYS C 59 22.03 -12.79 -16.22
CA LYS C 59 23.50 -12.63 -16.38
C LYS C 59 23.93 -11.87 -17.63
N ALA C 60 25.02 -11.12 -17.48
CA ALA C 60 25.77 -10.62 -18.67
C ALA C 60 26.20 -11.82 -19.53
N GLY C 61 26.29 -11.61 -20.83
CA GLY C 61 26.70 -12.72 -21.72
C GLY C 61 27.17 -12.25 -23.06
N ILE C 62 27.36 -13.22 -23.94
N ILE C 62 27.31 -13.22 -23.97
CA ILE C 62 27.75 -13.01 -25.32
CA ILE C 62 27.76 -13.02 -25.34
C ILE C 62 26.55 -13.43 -26.16
C ILE C 62 26.69 -13.52 -26.29
N GLN C 63 26.20 -12.62 -27.14
CA GLN C 63 25.09 -12.94 -28.04
C GLN C 63 25.36 -14.21 -28.85
N THR C 64 24.35 -15.07 -28.88
CA THR C 64 24.42 -16.30 -29.65
C THR C 64 23.95 -16.05 -31.08
N GLU C 65 23.95 -17.11 -31.89
CA GLU C 65 23.44 -17.02 -33.26
C GLU C 65 21.94 -16.78 -33.28
N GLU C 66 21.31 -16.91 -32.12
CA GLU C 66 19.88 -16.68 -32.02
C GLU C 66 19.60 -15.23 -31.63
N HIS C 67 20.64 -14.44 -31.44
CA HIS C 67 20.51 -13.01 -31.09
C HIS C 67 20.85 -12.09 -32.26
N PRO C 68 20.60 -10.77 -32.12
CA PRO C 68 20.77 -9.92 -33.30
C PRO C 68 22.18 -9.73 -33.82
N ASN C 69 23.15 -9.67 -32.90
CA ASN C 69 24.55 -9.42 -33.23
C ASN C 69 25.44 -10.46 -32.56
N PRO C 70 25.46 -11.67 -33.11
CA PRO C 70 26.17 -12.75 -32.47
C PRO C 70 27.64 -12.38 -32.16
N GLY C 71 28.07 -12.75 -30.96
CA GLY C 71 29.44 -12.52 -30.50
C GLY C 71 29.59 -11.25 -29.72
N LYS C 72 28.63 -10.33 -29.83
CA LYS C 72 28.69 -9.07 -29.10
C LYS C 72 28.22 -9.25 -27.65
N ARG C 73 28.85 -8.53 -26.72
CA ARG C 73 28.40 -8.63 -25.30
C ARG C 73 27.14 -7.85 -25.01
N TYR C 74 26.46 -8.28 -23.95
CA TYR C 74 25.38 -7.53 -23.34
C TYR C 74 25.57 -7.62 -21.83
N PRO C 75 25.21 -6.56 -21.10
CA PRO C 75 25.26 -6.61 -19.64
C PRO C 75 24.05 -7.33 -19.03
N GLY C 76 24.17 -7.66 -17.76
CA GLY C 76 23.01 -8.29 -17.10
C GLY C 76 21.96 -7.28 -16.72
N ILE C 77 20.83 -7.77 -16.23
CA ILE C 77 19.81 -6.85 -15.71
CA ILE C 77 19.73 -6.89 -15.80
C ILE C 77 19.11 -7.51 -14.53
N GLN C 78 18.48 -6.68 -13.70
CA GLN C 78 17.73 -7.13 -12.52
C GLN C 78 16.38 -6.44 -12.63
N ARG C 79 15.30 -7.21 -12.52
CA ARG C 79 13.97 -6.60 -12.61
C ARG C 79 13.12 -7.29 -11.55
N THR C 80 12.25 -6.53 -10.96
CA THR C 80 11.26 -7.04 -9.97
C THR C 80 9.84 -6.72 -10.43
N ALA C 81 8.96 -7.74 -10.37
CA ALA C 81 7.58 -7.59 -10.78
C ALA C 81 6.65 -8.00 -9.64
N TYR C 82 5.41 -7.54 -9.75
CA TYR C 82 4.42 -7.69 -8.65
C TYR C 82 3.12 -8.29 -9.14
N LEU C 83 2.55 -9.21 -8.35
CA LEU C 83 1.24 -9.84 -8.65
C LEU C 83 0.50 -9.98 -7.33
N PRO C 84 -0.86 -10.00 -7.37
CA PRO C 84 -1.59 -10.28 -6.13
C PRO C 84 -1.47 -11.74 -5.75
N ASP C 85 -1.35 -12.01 -4.46
CA ASP C 85 -1.25 -13.39 -3.97
C ASP C 85 -2.65 -14.02 -3.77
N ASN C 86 -3.38 -14.18 -4.88
CA ASN C 86 -4.70 -14.82 -4.88
C ASN C 86 -4.70 -15.91 -5.97
N LYS C 87 -5.84 -16.56 -6.21
CA LYS C 87 -5.88 -17.67 -7.14
C LYS C 87 -5.38 -17.25 -8.54
N GLU C 88 -5.90 -16.13 -9.03
CA GLU C 88 -5.58 -15.69 -10.40
C GLU C 88 -4.12 -15.25 -10.50
N GLY C 89 -3.64 -14.57 -9.47
CA GLY C 89 -2.26 -14.08 -9.49
C GLY C 89 -1.32 -15.26 -9.44
N ARG C 90 -1.65 -16.28 -8.64
CA ARG C 90 -0.80 -17.47 -8.56
C ARG C 90 -0.83 -18.28 -9.88
N LYS C 91 -1.99 -18.31 -10.56
CA LYS C 91 -2.06 -18.89 -11.91
C LYS C 91 -1.18 -18.12 -12.89
N VAL C 92 -1.21 -16.79 -12.84
CA VAL C 92 -0.31 -16.01 -13.69
C VAL C 92 1.17 -16.31 -13.33
N LEU C 93 1.51 -16.38 -12.03
CA LEU C 93 2.90 -16.73 -11.64
C LEU C 93 3.32 -18.07 -12.26
N LYS C 94 2.41 -19.05 -12.22
CA LYS C 94 2.65 -20.33 -12.89
C LYS C 94 2.95 -20.15 -14.38
N LEU C 95 2.12 -19.37 -15.08
CA LEU C 95 2.31 -19.17 -16.51
C LEU C 95 3.62 -18.43 -16.76
N LEU C 96 3.97 -17.46 -15.90
CA LEU C 96 5.27 -16.76 -16.05
C LEU C 96 6.46 -17.69 -15.84
N TYR C 97 6.39 -18.59 -14.84
CA TYR C 97 7.41 -19.64 -14.72
C TYR C 97 7.48 -20.52 -15.99
N ARG C 98 6.35 -20.86 -16.57
CA ARG C 98 6.35 -21.59 -17.84
C ARG C 98 7.04 -20.79 -18.97
N ALA C 99 6.73 -19.50 -19.04
CA ALA C 99 7.36 -18.63 -20.05
C ALA C 99 8.87 -18.54 -19.80
N PHE C 100 9.25 -18.49 -18.53
CA PHE C 100 10.69 -18.38 -18.18
C PHE C 100 11.43 -19.66 -18.63
N ASP C 101 10.77 -20.80 -18.41
CA ASP C 101 11.24 -22.13 -18.84
C ASP C 101 11.37 -22.18 -20.33
N GLN C 102 10.43 -21.59 -21.04
CA GLN C 102 10.49 -21.55 -22.49
C GLN C 102 11.37 -20.41 -23.07
N LYS C 103 12.07 -19.69 -22.18
CA LYS C 103 13.09 -18.68 -22.53
C LYS C 103 12.44 -17.52 -23.27
N LEU C 104 11.25 -17.16 -22.78
CA LEU C 104 10.37 -16.17 -23.44
C LEU C 104 10.16 -14.89 -22.65
N ILE C 105 10.59 -14.81 -21.39
CA ILE C 105 10.32 -13.58 -20.63
C ILE C 105 11.15 -12.40 -21.12
N PHE C 106 12.44 -12.68 -21.35
CA PHE C 106 13.37 -11.66 -21.88
C PHE C 106 13.94 -12.07 -23.22
N THR C 107 14.40 -11.07 -23.93
CA THR C 107 15.19 -11.29 -25.16
C THR C 107 16.39 -10.34 -25.11
N VAL C 108 17.21 -10.36 -26.15
CA VAL C 108 18.34 -9.43 -26.23
C VAL C 108 18.16 -8.73 -27.56
N GLY C 109 18.22 -7.41 -27.53
CA GLY C 109 18.06 -6.69 -28.79
C GLY C 109 17.77 -5.24 -28.55
N TYR C 110 16.92 -4.70 -29.42
CA TYR C 110 16.57 -3.30 -29.38
C TYR C 110 15.56 -3.00 -28.32
N SER C 111 15.82 -1.93 -27.56
CA SER C 111 14.88 -1.39 -26.60
C SER C 111 14.26 -0.12 -27.15
N ARG C 112 12.94 -0.14 -27.30
CA ARG C 112 12.18 1.01 -27.80
C ARG C 112 12.24 2.15 -26.77
N VAL C 113 12.07 1.79 -25.48
CA VAL C 113 12.12 2.77 -24.37
C VAL C 113 13.50 3.44 -24.25
N LEU C 114 14.56 2.65 -24.25
CA LEU C 114 15.92 3.20 -24.09
C LEU C 114 16.49 3.77 -25.40
N GLY C 115 15.93 3.35 -26.54
CA GLY C 115 16.48 3.69 -27.87
C GLY C 115 17.88 3.17 -28.15
N VAL C 116 18.17 1.95 -27.67
CA VAL C 116 19.51 1.37 -27.76
C VAL C 116 19.38 -0.11 -28.05
N SER C 117 20.45 -0.70 -28.59
CA SER C 117 20.50 -2.10 -28.96
C SER C 117 21.40 -2.86 -27.99
N ASP C 118 21.49 -4.18 -28.17
CA ASP C 118 22.44 -5.05 -27.44
C ASP C 118 22.26 -4.98 -25.97
N VAL C 119 21.00 -4.89 -25.55
CA VAL C 119 20.65 -5.00 -24.14
C VAL C 119 19.57 -6.05 -23.89
N ILE C 120 19.46 -6.52 -22.66
CA ILE C 120 18.36 -7.42 -22.30
C ILE C 120 17.08 -6.62 -22.17
N THR C 121 16.04 -7.06 -22.86
CA THR C 121 14.74 -6.36 -22.83
C THR C 121 13.61 -7.31 -22.48
N TRP C 122 12.46 -6.78 -22.11
CA TRP C 122 11.27 -7.61 -22.07
C TRP C 122 10.88 -8.08 -23.49
N ASN C 123 10.01 -9.07 -23.53
CA ASN C 123 9.63 -9.74 -24.75
C ASN C 123 8.12 -9.84 -24.89
N ASP C 124 7.43 -8.70 -24.76
CA ASP C 124 5.98 -8.60 -25.01
C ASP C 124 5.13 -9.37 -24.05
N ILE C 125 5.67 -9.68 -22.88
CA ILE C 125 4.85 -10.20 -21.77
C ILE C 125 5.02 -9.16 -20.70
N HIS C 126 3.99 -8.33 -20.55
CA HIS C 126 4.16 -7.12 -19.74
C HIS C 126 4.09 -7.42 -18.24
N HIS C 127 5.04 -6.88 -17.49
CA HIS C 127 5.11 -7.01 -16.03
C HIS C 127 4.84 -5.69 -15.33
N LYS C 128 4.18 -5.78 -14.17
CA LYS C 128 4.01 -4.64 -13.28
C LYS C 128 5.26 -4.50 -12.41
N THR C 129 6.03 -3.45 -12.66
CA THR C 129 7.31 -3.27 -11.95
C THR C 129 7.17 -2.24 -10.83
N SER C 130 5.94 -1.78 -10.64
CA SER C 130 5.63 -0.90 -9.50
C SER C 130 4.45 -1.52 -8.72
N ARG C 131 4.41 -1.26 -7.41
CA ARG C 131 3.25 -1.64 -6.61
C ARG C 131 2.09 -0.70 -6.85
N PHE C 132 2.36 0.60 -6.76
CA PHE C 132 1.34 1.66 -6.80
C PHE C 132 1.43 2.53 -8.06
N GLY C 133 0.45 3.40 -8.21
CA GLY C 133 0.53 4.44 -9.22
C GLY C 133 -0.25 4.14 -10.48
N GLY C 134 -0.85 2.95 -10.56
CA GLY C 134 -1.68 2.61 -11.71
C GLY C 134 -0.89 2.42 -13.02
N PRO C 135 -1.60 2.27 -14.13
CA PRO C 135 -0.93 1.94 -15.39
C PRO C 135 0.16 2.95 -15.80
N GLU C 136 -0.01 4.22 -15.46
CA GLU C 136 0.95 5.29 -15.86
C GLU C 136 2.33 5.01 -15.27
N MET C 137 2.32 4.41 -14.09
CA MET C 137 3.54 4.10 -13.35
C MET C 137 3.86 2.60 -13.41
N TYR C 138 3.28 1.85 -14.35
CA TYR C 138 3.47 0.40 -14.49
C TYR C 138 3.14 -0.31 -13.17
N GLY C 139 2.08 0.12 -12.51
CA GLY C 139 1.70 -0.43 -11.20
C GLY C 139 0.19 -0.65 -11.12
N TYR C 140 -0.26 -0.95 -9.90
CA TYR C 140 -1.67 -1.16 -9.63
C TYR C 140 -2.26 0.14 -9.01
N PRO C 141 -3.60 0.29 -9.02
CA PRO C 141 -4.59 -0.64 -9.52
C PRO C 141 -4.62 -0.65 -11.04
N ASP C 142 -4.97 -1.79 -11.60
CA ASP C 142 -5.15 -1.92 -13.02
C ASP C 142 -6.06 -3.12 -13.25
N PRO C 143 -7.39 -2.86 -13.32
CA PRO C 143 -8.39 -3.92 -13.38
C PRO C 143 -8.21 -4.84 -14.58
N SER C 144 -7.54 -4.35 -15.62
CA SER C 144 -7.36 -5.10 -16.87
C SER C 144 -6.10 -5.92 -16.90
N TYR C 145 -5.19 -5.71 -15.95
CA TYR C 145 -3.83 -6.25 -16.10
C TYR C 145 -3.77 -7.78 -16.15
N LEU C 146 -4.37 -8.47 -15.17
CA LEU C 146 -4.23 -9.93 -15.18
C LEU C 146 -4.78 -10.53 -16.47
N LYS C 147 -5.91 -10.03 -16.98
CA LYS C 147 -6.46 -10.47 -18.27
C LYS C 147 -5.47 -10.20 -19.41
N ARG C 148 -4.89 -8.99 -19.43
N ARG C 148 -4.88 -9.00 -19.43
CA ARG C 148 -3.92 -8.58 -20.45
CA ARG C 148 -3.94 -8.61 -20.50
C ARG C 148 -2.76 -9.56 -20.51
C ARG C 148 -2.67 -9.45 -20.54
N VAL C 149 -2.13 -9.80 -19.37
CA VAL C 149 -0.91 -10.59 -19.34
C VAL C 149 -1.21 -12.03 -19.73
N LYS C 150 -2.38 -12.53 -19.36
CA LYS C 150 -2.80 -13.84 -19.82
C LYS C 150 -2.96 -13.90 -21.33
N GLU C 151 -3.49 -12.84 -21.96
CA GLU C 151 -3.61 -12.78 -23.43
C GLU C 151 -2.24 -12.74 -24.09
N GLU C 152 -1.29 -12.02 -23.49
CA GLU C 152 0.08 -11.94 -24.01
C GLU C 152 0.77 -13.27 -23.94
N LEU C 153 0.54 -14.00 -22.85
CA LEU C 153 1.09 -15.34 -22.68
C LEU C 153 0.39 -16.31 -23.67
N LYS C 154 -0.92 -16.17 -23.84
CA LYS C 154 -1.67 -17.00 -24.80
C LYS C 154 -1.12 -16.81 -26.22
N ALA C 155 -0.67 -15.59 -26.53
CA ALA C 155 -0.09 -15.29 -27.84
C ALA C 155 1.23 -16.05 -28.09
N LYS C 156 1.90 -16.42 -27.01
CA LYS C 156 3.14 -17.19 -27.05
C LYS C 156 2.90 -18.68 -26.86
N GLY C 157 1.64 -19.07 -26.83
CA GLY C 157 1.25 -20.47 -26.71
C GLY C 157 1.16 -20.99 -25.30
N ILE C 158 1.12 -20.06 -24.33
CA ILE C 158 1.12 -20.41 -22.92
C ILE C 158 -0.21 -20.07 -22.26
N GLU C 159 -0.91 -21.12 -21.87
CA GLU C 159 -2.29 -21.02 -21.44
C GLU C 159 -2.57 -21.98 -20.29
N LYS D 26 4.43 15.33 24.31
CA LYS D 26 4.42 14.73 22.93
C LYS D 26 4.42 13.20 22.96
N GLY D 27 3.57 12.58 22.15
CA GLY D 27 3.45 11.13 22.13
C GLY D 27 4.24 10.53 20.99
N ASN D 28 3.89 9.31 20.63
CA ASN D 28 4.64 8.54 19.63
C ASN D 28 3.72 7.97 18.56
N GLN D 29 2.63 8.68 18.31
CA GLN D 29 1.72 8.36 17.25
C GLN D 29 2.44 8.10 15.93
N PRO D 30 2.01 7.05 15.18
CA PRO D 30 2.51 6.82 13.83
C PRO D 30 2.27 7.99 12.87
N GLU D 31 2.94 7.99 11.73
CA GLU D 31 2.67 9.01 10.72
C GLU D 31 1.24 8.88 10.23
N GLY D 32 0.63 10.01 9.88
CA GLY D 32 -0.73 9.94 9.37
C GLY D 32 -1.38 11.29 9.35
N SER D 33 -2.64 11.30 8.93
CA SER D 33 -3.36 12.55 8.78
C SER D 33 -4.72 12.55 9.48
N MET D 34 -5.16 13.74 9.84
CA MET D 34 -6.49 13.96 10.44
C MET D 34 -7.21 15.01 9.61
N VAL D 35 -8.41 14.68 9.15
CA VAL D 35 -9.29 15.61 8.42
C VAL D 35 -10.67 15.57 9.02
N PHE D 36 -11.49 16.57 8.70
CA PHE D 36 -12.88 16.53 9.12
C PHE D 36 -13.79 17.10 8.04
N THR D 37 -15.05 16.72 8.12
CA THR D 37 -16.10 17.31 7.34
C THR D 37 -17.38 17.28 8.19
N VAL D 38 -18.48 17.82 7.66
N VAL D 38 -18.49 17.86 7.70
CA VAL D 38 -19.70 17.94 8.40
CA VAL D 38 -19.72 17.91 8.47
C VAL D 38 -20.83 17.35 7.56
C VAL D 38 -20.92 17.54 7.62
N SER D 39 -21.83 16.79 8.24
CA SER D 39 -23.10 16.36 7.63
C SER D 39 -24.19 17.17 8.33
N ARG D 40 -25.31 17.47 7.65
CA ARG D 40 -26.43 18.14 8.31
C ARG D 40 -27.26 17.22 9.19
N ASP D 41 -27.06 15.91 9.07
CA ASP D 41 -27.85 14.98 9.88
C ASP D 41 -27.36 15.03 11.32
N SER D 42 -28.25 14.74 12.26
CA SER D 42 -27.95 14.91 13.69
C SER D 42 -27.58 13.63 14.40
N LEU D 43 -26.79 13.76 15.46
CA LEU D 43 -26.52 12.65 16.35
C LEU D 43 -27.57 12.58 17.44
N PRO D 44 -27.91 11.36 17.91
CA PRO D 44 -28.84 11.27 19.03
C PRO D 44 -28.40 12.09 20.24
N GLY D 45 -29.35 12.87 20.80
CA GLY D 45 -29.05 13.76 21.90
C GLY D 45 -28.61 15.17 21.52
N TYR D 46 -28.38 15.37 20.23
CA TYR D 46 -27.87 16.63 19.68
C TYR D 46 -28.69 17.01 18.45
N GLU D 47 -30.00 16.99 18.62
CA GLU D 47 -30.91 17.30 17.52
C GLU D 47 -30.76 18.77 17.11
N SER D 48 -30.96 19.03 15.82
CA SER D 48 -30.82 20.37 15.18
C SER D 48 -29.39 20.92 15.09
N PHE D 49 -28.40 20.03 15.32
CA PHE D 49 -27.02 20.29 14.95
C PHE D 49 -26.60 19.20 14.02
N GLY D 50 -25.66 19.52 13.15
CA GLY D 50 -25.10 18.50 12.25
C GLY D 50 -24.16 17.55 12.97
N THR D 51 -23.42 16.81 12.16
CA THR D 51 -22.47 15.79 12.68
C THR D 51 -21.12 16.12 12.10
N ILE D 52 -20.14 16.33 12.96
CA ILE D 52 -18.72 16.40 12.57
C ILE D 52 -18.21 14.96 12.36
N VAL D 53 -17.58 14.72 11.21
CA VAL D 53 -17.04 13.40 10.85
C VAL D 53 -15.54 13.61 10.73
N ILE D 54 -14.79 12.94 11.62
CA ILE D 54 -13.32 13.05 11.64
C ILE D 54 -12.75 11.79 11.02
N THR D 55 -11.85 11.93 10.04
CA THR D 55 -11.20 10.75 9.45
C THR D 55 -9.72 10.76 9.76
N TYR D 56 -9.25 9.68 10.37
CA TYR D 56 -7.83 9.48 10.65
C TYR D 56 -7.27 8.41 9.70
N SER D 57 -6.17 8.73 9.03
CA SER D 57 -5.57 7.86 8.05
C SER D 57 -4.11 7.65 8.44
N MET D 58 -3.81 6.48 9.02
CA MET D 58 -2.50 6.28 9.69
C MET D 58 -1.66 5.31 8.88
N LYS D 59 -0.38 5.66 8.68
CA LYS D 59 0.51 4.89 7.82
C LYS D 59 1.13 3.68 8.54
N ALA D 60 1.28 2.59 7.80
CA ALA D 60 2.11 1.49 8.29
C ALA D 60 3.53 1.98 8.59
N GLY D 61 4.19 1.33 9.53
CA GLY D 61 5.53 1.72 9.89
C GLY D 61 6.27 0.68 10.67
N ILE D 62 7.45 1.06 11.12
CA ILE D 62 8.30 0.19 11.93
C ILE D 62 8.40 0.81 13.34
N GLN D 63 8.10 0.02 14.37
CA GLN D 63 8.22 0.52 15.73
C GLN D 63 9.57 1.11 16.06
N THR D 64 9.53 2.27 16.72
CA THR D 64 10.71 2.99 17.18
C THR D 64 11.05 2.56 18.61
N GLU D 65 12.09 3.15 19.17
CA GLU D 65 12.43 2.91 20.58
C GLU D 65 11.35 3.48 21.51
N GLU D 66 10.43 4.28 20.97
CA GLU D 66 9.35 4.81 21.82
C GLU D 66 8.16 3.85 21.90
N HIS D 67 8.24 2.74 21.16
CA HIS D 67 7.15 1.76 21.05
C HIS D 67 7.53 0.48 21.79
N PRO D 68 6.55 -0.41 22.05
CA PRO D 68 6.87 -1.54 22.95
C PRO D 68 7.75 -2.61 22.32
N ASN D 69 7.81 -2.69 20.99
CA ASN D 69 8.57 -3.74 20.35
C ASN D 69 9.39 -3.12 19.22
N PRO D 70 10.43 -2.38 19.57
CA PRO D 70 11.20 -1.69 18.53
C PRO D 70 11.65 -2.61 17.38
N GLY D 71 11.44 -2.11 16.17
CA GLY D 71 11.87 -2.82 14.98
C GLY D 71 10.82 -3.69 14.31
N LYS D 72 9.71 -3.95 14.99
CA LYS D 72 8.63 -4.73 14.44
C LYS D 72 7.71 -3.82 13.65
N ARG D 73 7.25 -4.31 12.52
CA ARG D 73 6.30 -3.55 11.69
C ARG D 73 4.89 -3.62 12.21
N TYR D 74 4.16 -2.52 12.01
CA TYR D 74 2.72 -2.48 12.26
C TYR D 74 2.01 -2.05 10.96
N PRO D 75 0.80 -2.58 10.73
CA PRO D 75 0.07 -2.13 9.54
C PRO D 75 -0.63 -0.79 9.76
N GLY D 76 -0.98 -0.14 8.65
CA GLY D 76 -1.75 1.10 8.78
C GLY D 76 -3.18 0.83 9.25
N ILE D 77 -3.85 1.89 9.69
CA ILE D 77 -5.26 1.81 10.06
C ILE D 77 -5.97 3.05 9.58
N GLN D 78 -7.30 2.92 9.46
CA GLN D 78 -8.14 4.07 9.17
C GLN D 78 -9.26 4.04 10.22
N ARG D 79 -9.58 5.20 10.77
CA ARG D 79 -10.66 5.29 11.77
C ARG D 79 -11.46 6.53 11.48
N THR D 80 -12.77 6.46 11.69
CA THR D 80 -13.61 7.65 11.62
C THR D 80 -14.33 7.85 12.93
N ALA D 81 -14.37 9.10 13.41
CA ALA D 81 -15.05 9.43 14.64
C ALA D 81 -16.09 10.52 14.41
N TYR D 82 -17.04 10.58 15.34
CA TYR D 82 -18.21 11.46 15.20
C TYR D 82 -18.39 12.35 16.42
N LEU D 83 -18.77 13.59 16.18
CA LEU D 83 -19.04 14.58 17.24
C LEU D 83 -20.25 15.41 16.77
N PRO D 84 -21.02 15.94 17.70
CA PRO D 84 -22.08 16.87 17.28
C PRO D 84 -21.48 18.21 16.84
N ASP D 85 -22.08 18.82 15.81
CA ASP D 85 -21.59 20.08 15.28
C ASP D 85 -22.24 21.26 16.03
N ASN D 86 -22.03 21.27 17.33
CA ASN D 86 -22.48 22.37 18.18
C ASN D 86 -21.26 23.03 18.78
N LYS D 87 -21.47 24.00 19.68
CA LYS D 87 -20.36 24.70 20.30
C LYS D 87 -19.38 23.78 21.00
N GLU D 88 -19.92 22.88 21.82
CA GLU D 88 -19.09 21.98 22.58
C GLU D 88 -18.36 21.01 21.66
N GLY D 89 -19.05 20.49 20.66
CA GLY D 89 -18.42 19.53 19.75
C GLY D 89 -17.29 20.16 18.97
N ARG D 90 -17.46 21.43 18.56
CA ARG D 90 -16.42 22.16 17.84
C ARG D 90 -15.22 22.46 18.72
N LYS D 91 -15.46 22.78 19.99
CA LYS D 91 -14.38 22.91 20.97
C LYS D 91 -13.58 21.62 21.06
N VAL D 92 -14.28 20.49 21.21
CA VAL D 92 -13.60 19.18 21.26
C VAL D 92 -12.81 18.91 19.97
N LEU D 93 -13.39 19.24 18.82
CA LEU D 93 -12.66 19.05 17.55
C LEU D 93 -11.33 19.80 17.57
N LYS D 94 -11.36 21.05 18.02
CA LYS D 94 -10.14 21.86 18.07
C LYS D 94 -9.12 21.23 19.01
N LEU D 95 -9.58 20.65 20.12
CA LEU D 95 -8.67 20.02 21.09
C LEU D 95 -8.10 18.74 20.50
N LEU D 96 -8.91 17.98 19.78
CA LEU D 96 -8.44 16.74 19.14
C LEU D 96 -7.40 17.06 18.06
N TYR D 97 -7.60 18.15 17.32
CA TYR D 97 -6.55 18.58 16.40
C TYR D 97 -5.23 18.87 17.09
N ARG D 98 -5.28 19.56 18.22
CA ARG D 98 -4.07 19.81 19.01
C ARG D 98 -3.41 18.50 19.47
N ALA D 99 -4.21 17.59 20.01
CA ALA D 99 -3.70 16.27 20.43
C ALA D 99 -3.05 15.53 19.26
N PHE D 100 -3.66 15.58 18.08
CA PHE D 100 -3.10 14.90 16.90
C PHE D 100 -1.77 15.54 16.48
N ASP D 101 -1.73 16.85 16.55
CA ASP D 101 -0.51 17.60 16.27
C ASP D 101 0.62 17.24 17.26
N GLN D 102 0.25 16.98 18.52
N GLN D 102 0.26 16.98 18.50
CA GLN D 102 1.18 16.58 19.56
CA GLN D 102 1.20 16.61 19.54
C GLN D 102 1.37 15.07 19.63
C GLN D 102 1.51 15.11 19.53
N LYS D 103 0.91 14.39 18.58
CA LYS D 103 1.13 12.94 18.38
C LYS D 103 0.55 12.10 19.52
N LEU D 104 -0.63 12.46 20.00
CA LEU D 104 -1.23 11.84 21.16
C LEU D 104 -2.51 11.05 20.91
N ILE D 105 -3.06 11.10 19.69
CA ILE D 105 -4.35 10.42 19.48
C ILE D 105 -4.16 8.88 19.41
N PHE D 106 -3.09 8.44 18.74
CA PHE D 106 -2.81 7.02 18.66
C PHE D 106 -1.44 6.69 19.24
N THR D 107 -1.26 5.40 19.51
CA THR D 107 0.05 4.86 19.87
C THR D 107 0.18 3.48 19.20
N VAL D 108 1.23 2.73 19.54
CA VAL D 108 1.35 1.37 19.05
C VAL D 108 1.43 0.49 20.28
N GLY D 109 0.65 -0.58 20.29
CA GLY D 109 0.66 -1.44 21.45
C GLY D 109 -0.42 -2.49 21.41
N TYR D 110 -0.93 -2.81 22.59
CA TYR D 110 -1.83 -3.95 22.82
C TYR D 110 -3.27 -3.58 22.53
N SER D 111 -3.90 -4.38 21.67
CA SER D 111 -5.34 -4.23 21.39
C SER D 111 -6.12 -5.39 21.97
N ARG D 112 -6.98 -5.13 22.96
CA ARG D 112 -7.77 -6.23 23.50
C ARG D 112 -8.79 -6.76 22.48
N VAL D 113 -9.26 -5.91 21.59
N VAL D 113 -9.24 -5.92 21.55
CA VAL D 113 -10.19 -6.39 20.59
CA VAL D 113 -10.19 -6.35 20.51
C VAL D 113 -9.52 -7.46 19.70
C VAL D 113 -9.59 -7.25 19.41
N LEU D 114 -8.28 -7.19 19.28
CA LEU D 114 -7.57 -8.10 18.38
C LEU D 114 -6.84 -9.23 19.11
N GLY D 115 -6.57 -9.00 20.39
CA GLY D 115 -5.85 -9.97 21.21
C GLY D 115 -4.38 -10.05 20.85
N VAL D 116 -3.84 -8.96 20.29
CA VAL D 116 -2.42 -8.90 19.95
C VAL D 116 -1.88 -7.51 20.22
N SER D 117 -0.55 -7.41 20.24
CA SER D 117 0.09 -6.10 20.33
C SER D 117 0.70 -5.81 18.94
N ASP D 118 1.66 -4.87 18.83
CA ASP D 118 2.24 -4.51 17.55
C ASP D 118 1.23 -3.95 16.55
N VAL D 119 0.19 -3.26 17.08
CA VAL D 119 -0.83 -2.63 16.23
C VAL D 119 -1.06 -1.20 16.65
N ILE D 120 -1.57 -0.40 15.73
CA ILE D 120 -1.89 0.98 16.05
C ILE D 120 -3.20 1.01 16.86
N THR D 121 -3.14 1.60 18.05
CA THR D 121 -4.29 1.63 18.95
C THR D 121 -4.64 3.06 19.31
N TRP D 122 -5.85 3.27 19.81
CA TRP D 122 -6.16 4.54 20.48
C TRP D 122 -5.27 4.69 21.70
N ASN D 123 -5.13 5.91 22.17
CA ASN D 123 -4.19 6.26 23.27
C ASN D 123 -4.92 6.92 24.44
N ASP D 124 -6.02 6.30 24.87
CA ASP D 124 -6.78 6.78 26.01
C ASP D 124 -7.47 8.12 25.87
N ILE D 125 -7.73 8.52 24.62
N ILE D 125 -7.75 8.52 24.64
CA ILE D 125 -8.62 9.62 24.29
CA ILE D 125 -8.65 9.65 24.38
C ILE D 125 -9.73 8.93 23.53
C ILE D 125 -9.73 8.99 23.54
N HIS D 126 -10.88 8.73 24.18
CA HIS D 126 -11.93 7.91 23.60
C HIS D 126 -12.68 8.62 22.49
N HIS D 127 -12.88 7.90 21.39
CA HIS D 127 -13.63 8.37 20.23
C HIS D 127 -14.90 7.54 20.01
N LYS D 128 -15.92 8.21 19.48
CA LYS D 128 -17.16 7.55 19.07
C LYS D 128 -17.03 7.21 17.61
N THR D 129 -16.94 5.91 17.33
CA THR D 129 -16.72 5.41 15.99
C THR D 129 -18.01 4.92 15.33
N SER D 130 -19.13 5.11 16.04
CA SER D 130 -20.46 4.87 15.45
C SER D 130 -21.30 6.14 15.62
N ARG D 131 -22.27 6.35 14.73
CA ARG D 131 -23.25 7.42 14.92
C ARG D 131 -24.29 6.99 15.96
N PHE D 132 -24.78 5.77 15.81
CA PHE D 132 -25.92 5.32 16.60
C PHE D 132 -25.53 4.19 17.54
N GLY D 133 -26.49 3.77 18.36
CA GLY D 133 -26.35 2.57 19.16
C GLY D 133 -25.87 2.76 20.57
N GLY D 134 -25.57 4.00 20.96
CA GLY D 134 -25.17 4.28 22.33
C GLY D 134 -23.78 3.76 22.70
N PRO D 135 -23.43 3.84 23.99
CA PRO D 135 -22.11 3.39 24.47
C PRO D 135 -21.73 1.99 24.09
N GLU D 136 -22.67 1.04 24.07
CA GLU D 136 -22.25 -0.34 23.79
C GLU D 136 -21.68 -0.50 22.38
N MET D 137 -22.07 0.42 21.49
CA MET D 137 -21.65 0.42 20.08
C MET D 137 -20.68 1.55 19.79
N TYR D 138 -20.15 2.16 20.83
CA TYR D 138 -19.23 3.31 20.68
C TYR D 138 -19.91 4.42 19.89
N GLY D 139 -21.20 4.64 20.18
CA GLY D 139 -22.00 5.61 19.45
C GLY D 139 -22.84 6.45 20.38
N TYR D 140 -23.75 7.20 19.79
CA TYR D 140 -24.65 8.08 20.54
C TYR D 140 -26.02 7.44 20.57
N PRO D 141 -26.89 7.84 21.52
CA PRO D 141 -26.68 8.89 22.50
C PRO D 141 -25.73 8.52 23.63
N ASP D 142 -25.01 9.53 24.13
CA ASP D 142 -24.18 9.32 25.30
C ASP D 142 -23.97 10.69 25.93
N PRO D 143 -24.84 11.05 26.88
CA PRO D 143 -24.88 12.43 27.34
C PRO D 143 -23.60 12.83 28.08
N SER D 144 -22.82 11.87 28.55
CA SER D 144 -21.60 12.21 29.28
C SER D 144 -20.32 12.10 28.45
N TYR D 145 -20.44 11.77 27.15
CA TYR D 145 -19.22 11.59 26.32
C TYR D 145 -18.37 12.88 26.16
N LEU D 146 -18.98 14.00 25.84
CA LEU D 146 -18.15 15.20 25.55
C LEU D 146 -17.37 15.65 26.78
N LYS D 147 -17.99 15.50 27.95
CA LYS D 147 -17.30 15.78 29.21
C LYS D 147 -16.14 14.79 29.44
N ARG D 148 -16.40 13.51 29.17
N ARG D 148 -16.40 13.51 29.17
CA ARG D 148 -15.39 12.47 29.35
CA ARG D 148 -15.40 12.46 29.35
C ARG D 148 -14.17 12.72 28.46
C ARG D 148 -14.17 12.70 28.46
N VAL D 149 -14.40 13.02 27.18
CA VAL D 149 -13.29 13.19 26.24
C VAL D 149 -12.49 14.46 26.58
N LYS D 150 -13.17 15.50 27.04
CA LYS D 150 -12.45 16.70 27.47
C LYS D 150 -11.53 16.40 28.66
N GLU D 151 -12.01 15.59 29.60
CA GLU D 151 -11.22 15.20 30.76
C GLU D 151 -10.00 14.40 30.35
N GLU D 152 -10.18 13.52 29.36
CA GLU D 152 -9.10 12.67 28.88
C GLU D 152 -8.04 13.49 28.18
N LEU D 153 -8.48 14.51 27.44
CA LEU D 153 -7.57 15.48 26.81
C LEU D 153 -6.82 16.29 27.85
N LYS D 154 -7.52 16.78 28.87
CA LYS D 154 -6.90 17.51 29.99
C LYS D 154 -5.81 16.66 30.68
N ALA D 155 -6.04 15.36 30.77
CA ALA D 155 -5.07 14.43 31.35
C ALA D 155 -3.75 14.42 30.58
N LYS D 156 -3.80 14.77 29.29
CA LYS D 156 -2.59 14.85 28.48
C LYS D 156 -2.14 16.29 28.36
N GLY D 157 -2.78 17.17 29.13
CA GLY D 157 -2.42 18.58 29.14
C GLY D 157 -2.96 19.40 27.97
N ILE D 158 -3.94 18.84 27.25
CA ILE D 158 -4.64 19.57 26.18
C ILE D 158 -5.95 20.11 26.74
N GLU D 159 -6.06 21.43 26.84
CA GLU D 159 -7.15 22.06 27.57
C GLU D 159 -7.57 23.39 26.94
C1 CIT E . -10.27 -2.39 8.46
O2 CIT E . -10.82 -1.52 7.67
C2 CIT E . -10.90 -3.70 8.99
C3 CIT E . -9.97 -4.92 9.17
O7 CIT E . -9.77 -4.77 10.60
C4 CIT E . -10.51 -6.39 8.98
C5 CIT E . -10.10 -7.44 7.90
O3 CIT E . -9.14 -8.33 7.99
O4 CIT E . -10.77 -7.55 6.85
C6 CIT E . -8.77 -4.62 8.27
O5 CIT E . -8.86 -4.95 7.05
O6 CIT E . -7.74 -3.96 8.66
C1 PEG F . -20.12 -12.08 23.01
O1 PEG F . -19.10 -11.64 22.09
C2 PEG F . -21.28 -11.08 23.11
O2 PEG F . -22.46 -11.79 23.48
C3 PEG F . -23.39 -11.93 22.40
C4 PEG F . -24.32 -13.11 22.66
O4 PEG F . -24.95 -13.47 21.42
C1 PEG G . 26.18 -16.29 -4.48
O1 PEG G . 25.96 -17.08 -5.66
C2 PEG G . 27.67 -16.25 -4.13
O2 PEG G . 28.20 -14.95 -4.44
C3 PEG G . 29.60 -14.98 -4.68
C4 PEG G . 30.31 -14.42 -3.45
O4 PEG G . 31.00 -13.22 -3.82
C1 CIT H . 25.90 1.73 -12.22
O1 CIT H . 26.50 0.65 -12.09
O2 CIT H . 26.47 2.82 -11.91
C2 CIT H . 24.49 1.71 -12.77
C3 CIT H . 24.51 2.43 -14.11
O7 CIT H . 25.31 1.68 -15.05
C4 CIT H . 23.13 2.54 -14.75
C5 CIT H . 21.98 3.01 -13.87
O3 CIT H . 22.14 3.67 -12.83
O4 CIT H . 20.81 2.76 -14.22
C6 CIT H . 25.26 3.76 -13.98
O5 CIT H . 24.92 4.65 -13.14
O6 CIT H . 26.27 3.95 -14.70
C1 PEG I . 19.65 -11.46 16.25
O1 PEG I . 20.47 -12.55 15.79
C2 PEG I . 18.22 -11.64 15.73
O2 PEG I . 17.26 -11.00 16.57
C3 PEG I . 16.56 -9.86 16.03
C4 PEG I . 16.96 -8.57 16.75
O4 PEG I . 18.33 -8.29 16.45
C1 PEG J . 25.78 -16.26 -8.78
O1 PEG J . 26.68 -15.18 -9.13
C2 PEG J . 24.96 -16.78 -9.96
O2 PEG J . 23.91 -15.87 -10.35
C3 PEG J . 22.70 -16.03 -9.61
C4 PEG J . 21.92 -14.72 -9.65
O4 PEG J . 20.89 -14.61 -8.66
C1 CIT K . 16.43 -2.37 -20.54
O1 CIT K . 16.40 -1.53 -19.60
O2 CIT K . 17.45 -3.13 -20.63
C2 CIT K . 15.30 -2.40 -21.59
C3 CIT K . 13.83 -2.44 -21.09
O7 CIT K . 13.65 -3.50 -20.11
C4 CIT K . 13.32 -1.07 -20.58
C5 CIT K . 12.85 -0.94 -19.12
O3 CIT K . 12.96 -1.86 -18.27
O4 CIT K . 12.34 0.16 -18.73
C6 CIT K . 12.96 -2.79 -22.33
O5 CIT K . 12.15 -3.73 -22.32
O6 CIT K . 13.05 -2.11 -23.38
C1 GOL L . -8.55 -2.09 22.96
O1 GOL L . -7.64 -2.52 24.02
C2 GOL L . -7.86 -1.05 22.04
O2 GOL L . -7.89 0.19 22.73
C3 GOL L . -8.38 -0.91 20.59
O3 GOL L . -7.70 0.11 19.81
#